data_7EXE
#
_entry.id   7EXE
#
_cell.length_a   72.197
_cell.length_b   85.546
_cell.length_c   111.869
_cell.angle_alpha   90.000
_cell.angle_beta   90.000
_cell.angle_gamma   90.000
#
_symmetry.space_group_name_H-M   'P 21 21 21'
#
loop_
_entity.id
_entity.type
_entity.pdbx_description
1 polymer '14-3-3 protein zeta/delta'
2 polymer 'Disintegrin and metalloproteinase domain-containing protein 22'
#
loop_
_entity_poly.entity_id
_entity_poly.type
_entity_poly.pdbx_seq_one_letter_code
_entity_poly.pdbx_strand_id
1 'polypeptide(L)'
;MHHHHHHDKNELVQKAKLAEQAERYDDMAACMKSVTEQGAELSNEERNLLSVAYKNVVGARRSSWRVVSSIEQKTEGAEK
KQQMAREYREKIETELRDICNDVLSLLEKFLIPNASQPESKVFYLKMKGDYYRYLAEVAAGDDKKGIVDQSQQAYQEAFE
ISKKEMQPTHPIRLGLALNFSVFYYEILNSPEKACSLAKTAFDEAIAELDTLSEESYKDSTLIMQLLRDNLTLWTSDTQG
DEAEAGEGGEN
;
A,B
2 'polypeptide(L)' RPRSN(SEP)WQGNMGGNKKKIRGKRFRPRSN(SEP)TE C
#
# COMPACT_ATOMS: atom_id res chain seq x y z
N ASP A 8 -22.57 -13.36 -9.37
CA ASP A 8 -23.32 -13.92 -8.26
C ASP A 8 -22.83 -13.36 -6.92
N LYS A 9 -23.61 -13.59 -5.87
CA LYS A 9 -23.21 -13.11 -4.55
C LYS A 9 -22.02 -13.90 -4.00
N ASN A 10 -21.99 -15.20 -4.27
CA ASN A 10 -20.89 -16.03 -3.77
C ASN A 10 -19.57 -15.66 -4.46
N GLU A 11 -19.62 -15.37 -5.76
CA GLU A 11 -18.39 -15.06 -6.49
C GLU A 11 -17.82 -13.71 -6.06
N LEU A 12 -18.68 -12.72 -5.84
CA LEU A 12 -18.22 -11.41 -5.43
C LEU A 12 -17.59 -11.45 -4.03
N VAL A 13 -18.20 -12.19 -3.11
CA VAL A 13 -17.64 -12.30 -1.76
C VAL A 13 -16.36 -13.10 -1.78
N GLN A 14 -16.32 -14.19 -2.55
CA GLN A 14 -15.11 -15.01 -2.64
C GLN A 14 -13.95 -14.21 -3.23
N LYS A 15 -14.23 -13.40 -4.25
CA LYS A 15 -13.19 -12.54 -4.80
C LYS A 15 -12.82 -11.42 -3.84
N ALA A 16 -13.79 -10.95 -3.05
CA ALA A 16 -13.50 -9.93 -2.04
C ALA A 16 -12.55 -10.49 -0.98
N LYS A 17 -12.84 -11.70 -0.49
CA LYS A 17 -11.91 -12.37 0.42
C LYS A 17 -10.56 -12.58 -0.23
N LEU A 18 -10.53 -12.83 -1.54
CA LEU A 18 -9.28 -13.02 -2.26
C LEU A 18 -8.54 -11.70 -2.46
N ALA A 19 -9.28 -10.62 -2.74
CA ALA A 19 -8.64 -9.32 -2.89
C ALA A 19 -8.09 -8.80 -1.57
N GLU A 20 -8.70 -9.20 -0.45
CA GLU A 20 -8.17 -8.83 0.85
C GLU A 20 -6.82 -9.49 1.11
N GLN A 21 -6.67 -10.76 0.70
CA GLN A 21 -5.41 -11.45 0.86
C GLN A 21 -4.32 -10.83 -0.01
N ALA A 22 -4.67 -10.47 -1.25
CA ALA A 22 -3.73 -9.83 -2.16
C ALA A 22 -3.49 -8.36 -1.82
N GLU A 23 -4.20 -7.82 -0.83
CA GLU A 23 -4.06 -6.42 -0.43
C GLU A 23 -4.32 -5.47 -1.61
N ARG A 24 -5.45 -5.71 -2.28
CA ARG A 24 -5.91 -4.88 -3.40
C ARG A 24 -7.31 -4.39 -3.04
N TYR A 25 -7.36 -3.39 -2.15
CA TYR A 25 -8.62 -2.98 -1.54
C TYR A 25 -9.51 -2.20 -2.50
N ASP A 26 -8.95 -1.64 -3.57
CA ASP A 26 -9.80 -1.03 -4.59
C ASP A 26 -10.68 -2.06 -5.27
N ASP A 27 -10.12 -3.23 -5.57
CA ASP A 27 -10.92 -4.33 -6.09
C ASP A 27 -11.85 -4.89 -5.02
N MET A 28 -11.39 -4.91 -3.77
CA MET A 28 -12.22 -5.43 -2.68
C MET A 28 -13.43 -4.54 -2.44
N ALA A 29 -13.24 -3.22 -2.53
CA ALA A 29 -14.36 -2.30 -2.32
C ALA A 29 -15.34 -2.34 -3.49
N ALA A 30 -14.83 -2.51 -4.71
CA ALA A 30 -15.70 -2.59 -5.88
C ALA A 30 -16.58 -3.83 -5.83
N CYS A 31 -16.06 -4.94 -5.31
CA CYS A 31 -16.87 -6.16 -5.20
C CYS A 31 -17.96 -6.00 -4.14
N MET A 32 -17.60 -5.47 -2.98
CA MET A 32 -18.59 -5.27 -1.92
C MET A 32 -19.59 -4.19 -2.27
N LYS A 33 -19.18 -3.21 -3.08
CA LYS A 33 -20.13 -2.22 -3.59
C LYS A 33 -21.16 -2.89 -4.50
N SER A 34 -20.73 -3.86 -5.30
CA SER A 34 -21.67 -4.59 -6.14
C SER A 34 -22.59 -5.49 -5.33
N VAL A 35 -22.10 -6.02 -4.20
CA VAL A 35 -22.96 -6.79 -3.32
C VAL A 35 -24.00 -5.87 -2.67
N THR A 36 -23.60 -4.67 -2.28
CA THR A 36 -24.53 -3.71 -1.73
C THR A 36 -25.51 -3.20 -2.79
N GLU A 37 -25.05 -3.08 -4.03
CA GLU A 37 -25.93 -2.64 -5.12
C GLU A 37 -27.04 -3.64 -5.40
N GLN A 38 -26.89 -4.90 -4.97
CA GLN A 38 -27.92 -5.91 -5.19
C GLN A 38 -29.04 -5.83 -4.16
N GLY A 39 -28.99 -4.88 -3.23
CA GLY A 39 -30.09 -4.61 -2.33
C GLY A 39 -30.24 -5.55 -1.15
N ALA A 40 -29.71 -6.77 -1.24
CA ALA A 40 -29.87 -7.72 -0.15
C ALA A 40 -29.12 -7.27 1.09
N GLU A 41 -29.71 -7.53 2.26
CA GLU A 41 -29.08 -7.15 3.52
C GLU A 41 -27.81 -7.98 3.74
N LEU A 42 -26.70 -7.28 3.98
CA LEU A 42 -25.42 -7.96 4.14
C LEU A 42 -25.36 -8.72 5.45
N SER A 43 -24.72 -9.89 5.42
CA SER A 43 -24.55 -10.71 6.60
C SER A 43 -23.48 -10.11 7.50
N ASN A 44 -23.24 -10.76 8.64
CA ASN A 44 -22.22 -10.29 9.58
C ASN A 44 -20.83 -10.33 8.96
N GLU A 45 -20.59 -11.26 8.04
CA GLU A 45 -19.29 -11.34 7.38
C GLU A 45 -19.16 -10.32 6.27
N GLU A 46 -20.24 -10.07 5.54
CA GLU A 46 -20.18 -9.14 4.41
C GLU A 46 -20.00 -7.70 4.87
N ARG A 47 -20.65 -7.31 5.96
CA ARG A 47 -20.52 -5.94 6.44
C ARG A 47 -19.11 -5.68 6.99
N ASN A 48 -18.42 -6.72 7.47
CA ASN A 48 -17.04 -6.56 7.89
C ASN A 48 -16.12 -6.44 6.67
N LEU A 49 -16.39 -7.23 5.63
CA LEU A 49 -15.59 -7.13 4.41
C LEU A 49 -15.81 -5.79 3.71
N LEU A 50 -17.05 -5.30 3.71
CA LEU A 50 -17.33 -3.99 3.13
C LEU A 50 -16.65 -2.88 3.92
N SER A 51 -16.63 -2.99 5.25
CA SER A 51 -16.04 -1.95 6.08
C SER A 51 -14.52 -1.94 5.93
N VAL A 52 -13.88 -3.11 6.06
CA VAL A 52 -12.43 -3.19 5.93
C VAL A 52 -11.98 -2.72 4.55
N ALA A 53 -12.78 -2.98 3.52
CA ALA A 53 -12.43 -2.56 2.17
C ALA A 53 -12.34 -1.05 2.07
N TYR A 54 -13.43 -0.35 2.40
CA TYR A 54 -13.45 1.10 2.26
C TYR A 54 -12.63 1.80 3.33
N LYS A 55 -12.34 1.15 4.45
CA LYS A 55 -11.47 1.76 5.46
C LYS A 55 -10.04 1.88 4.95
N ASN A 56 -9.57 0.87 4.22
CA ASN A 56 -8.23 0.94 3.63
C ASN A 56 -8.21 1.90 2.44
N VAL A 57 -9.29 1.94 1.67
CA VAL A 57 -9.36 2.85 0.53
C VAL A 57 -9.40 4.30 1.00
N VAL A 58 -10.29 4.60 1.94
CA VAL A 58 -10.40 5.96 2.44
C VAL A 58 -9.25 6.34 3.37
N GLY A 59 -8.57 5.35 3.96
CA GLY A 59 -7.47 5.65 4.85
C GLY A 59 -6.17 5.95 4.12
N ALA A 60 -6.00 5.43 2.91
CA ALA A 60 -4.82 5.74 2.13
C ALA A 60 -4.80 7.20 1.68
N ARG A 61 -5.98 7.79 1.47
CA ARG A 61 -6.06 9.20 1.13
C ARG A 61 -5.97 10.09 2.36
N ARG A 62 -6.46 9.62 3.50
CA ARG A 62 -6.30 10.37 4.74
C ARG A 62 -4.83 10.48 5.13
N SER A 63 -4.10 9.37 5.08
CA SER A 63 -2.68 9.41 5.41
C SER A 63 -1.91 10.27 4.43
N SER A 64 -2.25 10.19 3.14
CA SER A 64 -1.59 11.04 2.14
C SER A 64 -1.92 12.51 2.37
N TRP A 65 -3.12 12.82 2.86
CA TRP A 65 -3.50 14.21 3.07
C TRP A 65 -2.77 14.82 4.26
N ARG A 66 -2.62 14.04 5.34
CA ARG A 66 -1.91 14.54 6.52
C ARG A 66 -0.46 14.85 6.20
N VAL A 67 0.16 14.10 5.28
CA VAL A 67 1.57 14.30 4.96
C VAL A 67 1.75 15.56 4.13
N VAL A 68 0.92 15.73 3.09
CA VAL A 68 1.09 16.86 2.18
C VAL A 68 0.82 18.18 2.89
N SER A 69 -0.24 18.23 3.70
CA SER A 69 -0.54 19.46 4.42
C SER A 69 0.55 19.81 5.42
N SER A 70 1.11 18.79 6.09
CA SER A 70 2.18 19.04 7.05
C SER A 70 3.44 19.56 6.38
N ILE A 71 3.67 19.17 5.12
CA ILE A 71 4.84 19.66 4.40
C ILE A 71 4.68 21.13 4.03
N GLU A 72 3.46 21.52 3.61
CA GLU A 72 3.22 22.90 3.22
C GLU A 72 3.33 23.87 4.39
N GLN A 73 3.17 23.39 5.63
CA GLN A 73 3.29 24.29 6.78
C GLN A 73 4.71 24.83 6.93
N LYS A 74 5.71 24.10 6.45
CA LYS A 74 7.10 24.53 6.49
C LYS A 74 7.54 25.26 5.22
N THR A 75 6.64 25.42 4.24
CA THR A 75 6.96 26.09 2.99
C THR A 75 6.56 27.56 3.00
N GLU A 76 6.64 28.22 4.15
CA GLU A 76 6.28 29.64 4.22
C GLU A 76 7.29 30.51 3.50
N GLY A 77 8.54 30.05 3.38
CA GLY A 77 9.55 30.86 2.72
C GLY A 77 9.39 30.89 1.20
N ALA A 78 9.06 29.75 0.61
CA ALA A 78 8.93 29.63 -0.84
C ALA A 78 7.45 29.60 -1.22
N GLU A 79 7.04 30.58 -2.03
CA GLU A 79 5.66 30.63 -2.50
C GLU A 79 5.40 29.73 -3.69
N LYS A 80 6.45 29.34 -4.43
CA LYS A 80 6.27 28.44 -5.55
C LYS A 80 5.91 27.03 -5.08
N LYS A 81 6.72 26.47 -4.18
CA LYS A 81 6.43 25.14 -3.65
C LYS A 81 5.12 25.12 -2.88
N GLN A 82 4.74 26.25 -2.27
CA GLN A 82 3.49 26.30 -1.52
C GLN A 82 2.30 26.09 -2.44
N GLN A 83 2.39 26.55 -3.69
CA GLN A 83 1.31 26.33 -4.64
C GLN A 83 1.22 24.86 -5.03
N MET A 84 2.36 24.25 -5.35
CA MET A 84 2.36 22.84 -5.75
C MET A 84 1.85 21.95 -4.64
N ALA A 85 2.29 22.20 -3.41
CA ALA A 85 1.78 21.43 -2.28
C ALA A 85 0.29 21.69 -2.06
N ARG A 86 -0.16 22.91 -2.29
CA ARG A 86 -1.58 23.22 -2.17
C ARG A 86 -2.37 22.53 -3.27
N GLU A 87 -1.89 22.59 -4.51
CA GLU A 87 -2.59 21.93 -5.61
C GLU A 87 -2.61 20.42 -5.43
N TYR A 88 -1.50 19.85 -4.97
CA TYR A 88 -1.46 18.40 -4.75
C TYR A 88 -2.37 17.99 -3.60
N ARG A 89 -2.42 18.79 -2.54
CA ARG A 89 -3.31 18.48 -1.42
C ARG A 89 -4.76 18.52 -1.85
N GLU A 90 -5.12 19.49 -2.69
CA GLU A 90 -6.51 19.60 -3.15
C GLU A 90 -6.91 18.42 -4.02
N LYS A 91 -5.98 17.86 -4.78
CA LYS A 91 -6.31 16.69 -5.60
C LYS A 91 -6.56 15.47 -4.72
N ILE A 92 -5.81 15.33 -3.63
CA ILE A 92 -6.08 14.26 -2.68
C ILE A 92 -7.39 14.50 -1.95
N GLU A 93 -7.72 15.77 -1.70
CA GLU A 93 -9.01 16.09 -1.07
C GLU A 93 -10.17 15.72 -1.97
N THR A 94 -10.05 16.00 -3.28
CA THR A 94 -11.11 15.62 -4.20
C THR A 94 -11.26 14.10 -4.27
N GLU A 95 -10.14 13.37 -4.22
CA GLU A 95 -10.22 11.91 -4.14
C GLU A 95 -10.88 11.48 -2.84
N LEU A 96 -10.55 12.15 -1.74
CA LEU A 96 -11.10 11.78 -0.44
C LEU A 96 -12.60 12.06 -0.38
N ARG A 97 -13.05 13.16 -1.02
CA ARG A 97 -14.46 13.49 -1.00
C ARG A 97 -15.28 12.49 -1.81
N ASP A 98 -14.75 12.05 -2.96
CA ASP A 98 -15.48 11.11 -3.80
C ASP A 98 -15.63 9.75 -3.14
N ILE A 99 -14.65 9.35 -2.33
CA ILE A 99 -14.72 8.05 -1.66
C ILE A 99 -15.82 8.06 -0.61
N CYS A 100 -15.84 9.09 0.24
CA CYS A 100 -16.82 9.15 1.32
C CYS A 100 -18.23 9.27 0.78
N ASN A 101 -18.45 10.14 -0.22
CA ASN A 101 -19.77 10.27 -0.83
C ASN A 101 -20.20 8.95 -1.48
N ASP A 102 -19.25 8.14 -1.93
CA ASP A 102 -19.58 6.81 -2.44
C ASP A 102 -20.10 5.92 -1.33
N VAL A 103 -19.44 5.94 -0.16
CA VAL A 103 -19.89 5.13 0.96
C VAL A 103 -21.21 5.67 1.52
N LEU A 104 -21.33 6.99 1.64
CA LEU A 104 -22.53 7.58 2.20
C LEU A 104 -23.74 7.35 1.31
N SER A 105 -23.53 7.28 -0.01
CA SER A 105 -24.65 6.99 -0.92
C SER A 105 -25.15 5.57 -0.74
N LEU A 106 -24.22 4.61 -0.65
CA LEU A 106 -24.62 3.22 -0.39
C LEU A 106 -25.30 3.07 0.97
N LEU A 107 -24.89 3.88 1.95
CA LEU A 107 -25.48 3.78 3.29
C LEU A 107 -26.93 4.23 3.30
N GLU A 108 -27.24 5.34 2.63
CA GLU A 108 -28.58 5.91 2.68
C GLU A 108 -29.54 5.30 1.66
N LYS A 109 -29.03 4.53 0.70
CA LYS A 109 -29.88 3.96 -0.35
C LYS A 109 -30.16 2.47 -0.15
N PHE A 110 -29.13 1.67 0.10
CA PHE A 110 -29.29 0.23 0.23
C PHE A 110 -29.14 -0.27 1.66
N LEU A 111 -28.27 0.35 2.47
CA LEU A 111 -27.84 -0.24 3.73
C LEU A 111 -28.77 0.11 4.90
N ILE A 112 -28.72 1.35 5.37
CA ILE A 112 -29.51 1.81 6.50
C ILE A 112 -31.01 1.57 6.28
N PRO A 113 -31.56 1.82 5.08
CA PRO A 113 -32.99 1.51 4.88
C PRO A 113 -33.38 0.07 5.23
N ASN A 114 -32.70 -0.91 4.66
CA ASN A 114 -33.06 -2.32 4.87
C ASN A 114 -32.48 -2.91 6.15
N ALA A 115 -31.95 -2.09 7.04
CA ALA A 115 -31.41 -2.58 8.31
C ALA A 115 -32.46 -3.36 9.08
N SER A 116 -32.29 -4.69 9.18
CA SER A 116 -33.29 -5.56 9.76
C SER A 116 -33.09 -5.72 11.27
N GLN A 117 -32.26 -6.68 11.66
CA GLN A 117 -32.04 -6.99 13.06
C GLN A 117 -31.32 -5.85 13.77
N PRO A 118 -31.36 -5.80 15.10
CA PRO A 118 -30.78 -4.64 15.80
C PRO A 118 -29.30 -4.43 15.56
N GLU A 119 -28.50 -5.49 15.67
CA GLU A 119 -27.05 -5.36 15.55
C GLU A 119 -26.67 -4.75 14.20
N SER A 120 -27.39 -5.12 13.14
CA SER A 120 -27.12 -4.54 11.83
C SER A 120 -27.42 -3.04 11.81
N LYS A 121 -28.50 -2.63 12.48
CA LYS A 121 -28.90 -1.24 12.46
C LYS A 121 -27.87 -0.34 13.13
N VAL A 122 -27.15 -0.86 14.12
CA VAL A 122 -26.19 -0.04 14.85
C VAL A 122 -24.88 0.09 14.07
N PHE A 123 -24.50 -0.93 13.31
CA PHE A 123 -23.21 -0.89 12.62
C PHE A 123 -23.24 0.11 11.46
N TYR A 124 -24.24 0.00 10.59
CA TYR A 124 -24.35 0.92 9.46
C TYR A 124 -24.57 2.35 9.93
N LEU A 125 -25.15 2.53 11.12
CA LEU A 125 -25.35 3.87 11.66
C LEU A 125 -24.03 4.47 12.15
N LYS A 126 -23.15 3.64 12.70
CA LYS A 126 -21.82 4.12 13.06
C LYS A 126 -21.01 4.48 11.81
N MET A 127 -21.12 3.67 10.76
CA MET A 127 -20.35 3.90 9.55
C MET A 127 -20.71 5.22 8.90
N LYS A 128 -21.95 5.69 9.09
CA LYS A 128 -22.38 6.94 8.50
C LYS A 128 -21.67 8.12 9.15
N GLY A 129 -21.61 8.13 10.49
CA GLY A 129 -20.94 9.23 11.18
C GLY A 129 -19.45 9.26 10.93
N ASP A 130 -18.83 8.10 10.64
CA ASP A 130 -17.40 8.05 10.41
C ASP A 130 -17.01 8.76 9.12
N TYR A 131 -17.68 8.43 8.02
CA TYR A 131 -17.32 9.03 6.74
C TYR A 131 -17.77 10.48 6.63
N TYR A 132 -18.74 10.90 7.46
CA TYR A 132 -18.96 12.33 7.62
C TYR A 132 -17.89 12.96 8.49
N ARG A 133 -17.34 12.20 9.44
CA ARG A 133 -16.22 12.71 10.23
C ARG A 133 -14.96 12.83 9.39
N TYR A 134 -14.78 11.91 8.43
CA TYR A 134 -13.64 12.00 7.53
C TYR A 134 -13.77 13.21 6.62
N LEU A 135 -14.99 13.54 6.20
CA LEU A 135 -15.21 14.76 5.43
C LEU A 135 -15.01 16.00 6.28
N ALA A 136 -15.35 15.92 7.58
CA ALA A 136 -15.17 17.07 8.46
C ALA A 136 -13.69 17.34 8.71
N GLU A 137 -12.84 16.32 8.59
CA GLU A 137 -11.41 16.54 8.75
C GLU A 137 -10.84 17.40 7.64
N VAL A 138 -11.56 17.55 6.53
CA VAL A 138 -11.09 18.34 5.40
C VAL A 138 -12.05 19.50 5.14
N ASP A 142 -17.95 26.75 5.17
CA ASP A 142 -19.40 26.87 5.12
C ASP A 142 -20.08 25.52 5.37
N ASP A 143 -19.74 24.54 4.52
CA ASP A 143 -20.30 23.20 4.67
C ASP A 143 -19.76 22.46 5.89
N LYS A 144 -18.81 23.06 6.62
CA LYS A 144 -18.20 22.39 7.76
C LYS A 144 -19.25 21.96 8.78
N LYS A 145 -19.97 22.94 9.36
CA LYS A 145 -20.95 22.63 10.40
C LYS A 145 -22.09 21.76 9.86
N GLY A 146 -22.37 21.83 8.56
CA GLY A 146 -23.37 20.96 7.98
C GLY A 146 -22.95 19.51 7.97
N ILE A 147 -21.66 19.26 7.75
CA ILE A 147 -21.15 17.89 7.78
C ILE A 147 -20.95 17.41 9.22
N VAL A 148 -20.54 18.32 10.11
CA VAL A 148 -20.28 17.93 11.50
C VAL A 148 -21.56 17.52 12.19
N ASP A 149 -22.65 18.28 11.99
CA ASP A 149 -23.92 17.92 12.62
C ASP A 149 -24.53 16.69 11.97
N GLN A 150 -24.39 16.57 10.64
CA GLN A 150 -24.83 15.35 9.97
C GLN A 150 -24.07 14.13 10.48
N SER A 151 -22.84 14.33 10.95
CA SER A 151 -22.07 13.24 11.54
C SER A 151 -22.57 12.91 12.95
N GLN A 152 -22.98 13.93 13.71
CA GLN A 152 -23.33 13.73 15.10
C GLN A 152 -24.64 12.97 15.26
N GLN A 153 -25.61 13.20 14.38
CA GLN A 153 -26.92 12.58 14.55
C GLN A 153 -26.85 11.06 14.39
N ALA A 154 -26.01 10.57 13.48
CA ALA A 154 -25.89 9.13 13.30
C ALA A 154 -25.27 8.47 14.52
N TYR A 155 -24.33 9.16 15.18
CA TYR A 155 -23.73 8.63 16.40
C TYR A 155 -24.75 8.56 17.53
N GLN A 156 -25.50 9.65 17.73
CA GLN A 156 -26.47 9.68 18.83
C GLN A 156 -27.60 8.68 18.60
N GLU A 157 -28.07 8.56 17.36
CA GLU A 157 -29.14 7.62 17.07
C GLU A 157 -28.70 6.17 17.30
N ALA A 158 -27.46 5.85 16.93
CA ALA A 158 -26.94 4.51 17.18
C ALA A 158 -26.56 4.31 18.64
N PHE A 159 -26.16 5.37 19.34
CA PHE A 159 -25.80 5.23 20.75
C PHE A 159 -27.02 4.91 21.60
N GLU A 160 -28.18 5.48 21.26
CA GLU A 160 -29.40 5.18 22.00
C GLU A 160 -29.82 3.73 21.80
N ILE A 161 -29.72 3.23 20.57
CA ILE A 161 -30.15 1.87 20.29
C ILE A 161 -29.20 0.85 20.94
N SER A 162 -27.90 1.10 20.87
CA SER A 162 -26.94 0.18 21.46
C SER A 162 -26.97 0.24 22.98
N LYS A 163 -27.30 1.41 23.56
CA LYS A 163 -27.37 1.52 25.01
C LYS A 163 -28.58 0.80 25.58
N LYS A 164 -29.68 0.76 24.83
CA LYS A 164 -30.95 0.24 25.34
C LYS A 164 -31.08 -1.27 25.18
N GLU A 165 -30.56 -1.84 24.10
CA GLU A 165 -30.80 -3.24 23.78
C GLU A 165 -29.56 -4.12 23.74
N MET A 166 -28.37 -3.54 23.80
CA MET A 166 -27.12 -4.30 23.79
C MET A 166 -26.49 -4.29 25.19
N GLN A 167 -25.54 -5.20 25.39
CA GLN A 167 -24.74 -5.20 26.59
C GLN A 167 -23.52 -4.32 26.41
N PRO A 168 -22.98 -3.78 27.51
CA PRO A 168 -21.71 -3.03 27.41
C PRO A 168 -20.52 -3.91 27.04
N THR A 169 -20.71 -5.23 26.95
CA THR A 169 -19.66 -6.14 26.54
C THR A 169 -19.71 -6.46 25.05
N HIS A 170 -20.76 -6.08 24.35
CA HIS A 170 -20.84 -6.34 22.92
C HIS A 170 -19.84 -5.43 22.18
N PRO A 171 -19.13 -5.97 21.19
CA PRO A 171 -18.08 -5.17 20.54
C PRO A 171 -18.62 -4.03 19.69
N ILE A 172 -19.82 -4.17 19.12
CA ILE A 172 -20.38 -3.10 18.30
C ILE A 172 -20.72 -1.89 19.16
N ARG A 173 -21.24 -2.12 20.36
CA ARG A 173 -21.51 -1.02 21.28
C ARG A 173 -20.21 -0.38 21.76
N LEU A 174 -19.19 -1.19 22.03
CA LEU A 174 -17.91 -0.63 22.46
C LEU A 174 -17.22 0.10 21.32
N GLY A 175 -17.32 -0.41 20.10
CA GLY A 175 -16.70 0.26 18.97
C GLY A 175 -17.34 1.60 18.64
N LEU A 176 -18.67 1.68 18.76
CA LEU A 176 -19.36 2.95 18.52
C LEU A 176 -18.98 3.99 19.56
N ALA A 177 -18.83 3.58 20.82
CA ALA A 177 -18.42 4.52 21.86
C ALA A 177 -17.02 5.05 21.61
N LEU A 178 -16.16 4.23 21.00
CA LEU A 178 -14.80 4.68 20.70
C LEU A 178 -14.80 5.73 19.60
N ASN A 179 -15.45 5.43 18.47
CA ASN A 179 -15.48 6.38 17.36
C ASN A 179 -16.25 7.65 17.73
N PHE A 180 -17.26 7.53 18.60
CA PHE A 180 -18.00 8.72 19.05
C PHE A 180 -17.12 9.61 19.90
N SER A 181 -16.30 9.02 20.78
CA SER A 181 -15.43 9.82 21.63
C SER A 181 -14.35 10.53 20.82
N VAL A 182 -13.85 9.87 19.76
CA VAL A 182 -12.85 10.51 18.90
C VAL A 182 -13.46 11.71 18.18
N PHE A 183 -14.75 11.64 17.86
CA PHE A 183 -15.39 12.74 17.14
C PHE A 183 -15.40 14.02 17.96
N TYR A 184 -15.63 13.91 19.28
CA TYR A 184 -15.65 15.10 20.12
C TYR A 184 -14.28 15.75 20.21
N TYR A 185 -13.22 14.95 20.31
CA TYR A 185 -11.89 15.49 20.53
C TYR A 185 -11.34 16.15 19.26
N GLU A 186 -11.32 15.40 18.16
CA GLU A 186 -10.66 15.90 16.95
C GLU A 186 -11.49 16.97 16.24
N ILE A 187 -12.81 16.82 16.24
CA ILE A 187 -13.67 17.71 15.46
C ILE A 187 -14.20 18.84 16.33
N LEU A 188 -15.00 18.52 17.33
CA LEU A 188 -15.69 19.54 18.12
C LEU A 188 -14.77 20.23 19.12
N ASN A 189 -13.52 19.77 19.28
CA ASN A 189 -12.59 20.33 20.25
C ASN A 189 -13.18 20.31 21.66
N SER A 190 -13.81 19.18 22.01
CA SER A 190 -14.40 18.96 23.32
C SER A 190 -13.68 17.79 23.97
N PRO A 191 -12.47 18.01 24.49
CA PRO A 191 -11.67 16.89 25.02
C PRO A 191 -12.22 16.30 26.30
N GLU A 192 -13.32 16.80 26.84
CA GLU A 192 -13.81 16.37 28.15
C GLU A 192 -15.16 15.69 28.12
N LYS A 193 -16.08 16.14 27.26
CA LYS A 193 -17.34 15.42 27.09
C LYS A 193 -17.11 14.04 26.49
N ALA A 194 -15.99 13.83 25.79
CA ALA A 194 -15.69 12.52 25.21
C ALA A 194 -15.06 11.58 26.22
N CYS A 195 -14.24 12.11 27.14
CA CYS A 195 -13.60 11.25 28.14
C CYS A 195 -14.62 10.57 29.04
N SER A 196 -15.75 11.24 29.30
CA SER A 196 -16.81 10.60 30.07
C SER A 196 -17.44 9.44 29.30
N LEU A 197 -17.70 9.64 28.00
CA LEU A 197 -18.28 8.58 27.20
C LEU A 197 -17.33 7.39 27.08
N ALA A 198 -16.05 7.65 26.88
CA ALA A 198 -15.08 6.55 26.77
C ALA A 198 -14.90 5.84 28.10
N LYS A 199 -14.95 6.58 29.21
CA LYS A 199 -14.74 5.96 30.52
C LYS A 199 -15.99 5.22 30.98
N THR A 200 -17.18 5.74 30.68
CA THR A 200 -18.41 5.04 31.06
C THR A 200 -18.54 3.72 30.31
N ALA A 201 -18.34 3.75 28.98
CA ALA A 201 -18.41 2.52 28.20
C ALA A 201 -17.36 1.52 28.65
N PHE A 202 -16.20 2.00 29.11
CA PHE A 202 -15.18 1.11 29.63
C PHE A 202 -15.57 0.56 31.00
N ASP A 203 -16.02 1.44 31.90
CA ASP A 203 -16.35 1.01 33.25
C ASP A 203 -17.64 0.20 33.29
N GLU A 204 -18.57 0.44 32.36
CA GLU A 204 -19.77 -0.37 32.29
C GLU A 204 -19.48 -1.79 31.82
N ALA A 205 -18.35 -2.01 31.16
CA ALA A 205 -17.97 -3.34 30.70
C ALA A 205 -17.15 -4.10 31.73
N ILE A 206 -16.30 -3.42 32.50
CA ILE A 206 -15.49 -4.10 33.50
C ILE A 206 -16.33 -4.62 34.65
N ALA A 207 -17.53 -4.07 34.85
CA ALA A 207 -18.40 -4.57 35.91
C ALA A 207 -18.98 -5.92 35.56
N GLU A 208 -19.21 -6.19 34.28
CA GLU A 208 -19.76 -7.47 33.84
C GLU A 208 -18.72 -8.58 34.02
N LEU A 212 -20.63 -11.85 27.15
CA LEU A 212 -19.39 -12.07 26.41
C LEU A 212 -19.28 -13.52 25.94
N SER A 213 -19.00 -13.70 24.65
CA SER A 213 -18.95 -15.01 24.02
C SER A 213 -17.56 -15.28 23.46
N GLU A 214 -17.29 -16.56 23.18
CA GLU A 214 -15.98 -16.95 22.66
C GLU A 214 -15.68 -16.30 21.32
N GLU A 215 -16.71 -15.99 20.54
CA GLU A 215 -16.55 -15.35 19.24
C GLU A 215 -16.55 -13.83 19.34
N SER A 216 -16.43 -13.27 20.54
CA SER A 216 -16.53 -11.81 20.70
C SER A 216 -15.54 -11.21 21.69
N TYR A 217 -14.86 -12.00 22.53
CA TYR A 217 -13.94 -11.42 23.50
C TYR A 217 -12.85 -10.59 22.81
N LYS A 218 -12.29 -11.13 21.72
CA LYS A 218 -11.14 -10.50 21.09
C LYS A 218 -11.48 -9.09 20.61
N ASP A 219 -12.57 -8.94 19.87
CA ASP A 219 -12.97 -7.62 19.41
C ASP A 219 -13.40 -6.73 20.58
N SER A 220 -14.03 -7.33 21.60
CA SER A 220 -14.48 -6.56 22.75
C SER A 220 -13.30 -6.07 23.58
N THR A 221 -12.40 -6.97 23.96
CA THR A 221 -11.28 -6.59 24.82
C THR A 221 -10.31 -5.67 24.11
N LEU A 222 -10.17 -5.81 22.78
CA LEU A 222 -9.26 -4.94 22.04
C LEU A 222 -9.74 -3.50 22.04
N ILE A 223 -11.05 -3.30 21.90
CA ILE A 223 -11.60 -1.94 21.88
C ILE A 223 -11.42 -1.28 23.24
N MET A 224 -11.58 -2.03 24.32
CA MET A 224 -11.37 -1.47 25.66
C MET A 224 -9.92 -1.06 25.86
N GLN A 225 -8.98 -1.83 25.30
CA GLN A 225 -7.58 -1.42 25.34
C GLN A 225 -7.37 -0.09 24.61
N LEU A 226 -8.01 0.06 23.45
CA LEU A 226 -7.91 1.32 22.71
C LEU A 226 -8.63 2.44 23.43
N LEU A 227 -9.69 2.13 24.19
CA LEU A 227 -10.39 3.16 24.94
C LEU A 227 -9.48 3.80 25.98
N ARG A 228 -8.85 2.98 26.83
CA ARG A 228 -7.96 3.52 27.84
C ARG A 228 -6.71 4.14 27.22
N ASP A 229 -6.33 3.69 26.02
CA ASP A 229 -5.22 4.32 25.32
C ASP A 229 -5.60 5.69 24.78
N ASN A 230 -6.88 5.88 24.43
CA ASN A 230 -7.33 7.20 24.02
C ASN A 230 -7.43 8.14 25.23
N LEU A 231 -7.90 7.62 26.36
CA LEU A 231 -8.01 8.45 27.56
C LEU A 231 -6.64 8.90 28.04
N THR A 232 -5.64 8.02 27.97
CA THR A 232 -4.30 8.39 28.40
C THR A 232 -3.69 9.42 27.48
N LEU A 233 -3.90 9.28 26.17
CA LEU A 233 -3.34 10.22 25.20
C LEU A 233 -3.96 11.60 25.36
N TRP A 234 -5.29 11.66 25.53
CA TRP A 234 -5.95 12.96 25.65
C TRP A 234 -5.55 13.66 26.94
N THR A 235 -5.46 12.93 28.04
CA THR A 235 -5.02 13.49 29.32
C THR A 235 -3.50 13.48 29.36
N SER A 236 -2.91 14.48 28.72
CA SER A 236 -1.46 14.59 28.62
C SER A 236 -0.82 14.85 29.98
N ASP B 8 7.66 21.94 -16.55
CA ASP B 8 9.09 21.76 -16.80
C ASP B 8 9.67 20.63 -15.97
N LYS B 9 11.00 20.47 -16.02
CA LYS B 9 11.63 19.35 -15.35
C LYS B 9 11.60 19.51 -13.83
N ASN B 10 12.03 20.67 -13.33
CA ASN B 10 12.08 20.87 -11.88
C ASN B 10 10.69 20.82 -11.26
N GLU B 11 9.65 21.16 -12.03
CA GLU B 11 8.29 21.08 -11.50
C GLU B 11 7.85 19.62 -11.36
N LEU B 12 8.18 18.78 -12.34
CA LEU B 12 7.79 17.37 -12.26
C LEU B 12 8.61 16.64 -11.20
N VAL B 13 9.89 17.00 -11.05
CA VAL B 13 10.72 16.35 -10.05
C VAL B 13 10.26 16.72 -8.64
N GLN B 14 9.91 17.99 -8.43
CA GLN B 14 9.43 18.43 -7.12
C GLN B 14 8.10 17.78 -6.77
N LYS B 15 7.21 17.65 -7.75
CA LYS B 15 5.94 16.96 -7.51
C LYS B 15 6.15 15.48 -7.25
N ALA B 16 7.14 14.88 -7.90
CA ALA B 16 7.46 13.48 -7.64
C ALA B 16 7.98 13.27 -6.22
N LYS B 17 8.75 14.24 -5.72
CA LYS B 17 9.20 14.17 -4.33
C LYS B 17 8.03 14.28 -3.36
N LEU B 18 6.99 15.04 -3.73
CA LEU B 18 5.80 15.11 -2.90
C LEU B 18 5.02 13.80 -2.95
N ALA B 19 4.91 13.19 -4.13
CA ALA B 19 4.19 11.92 -4.26
C ALA B 19 4.90 10.81 -3.49
N GLU B 20 6.22 10.89 -3.36
CA GLU B 20 6.95 9.89 -2.58
C GLU B 20 6.61 10.00 -1.10
N GLN B 21 6.60 11.23 -0.57
CA GLN B 21 6.25 11.43 0.83
C GLN B 21 4.81 11.04 1.11
N ALA B 22 3.91 11.32 0.17
CA ALA B 22 2.52 10.90 0.28
C ALA B 22 2.33 9.43 -0.04
N GLU B 23 3.39 8.72 -0.45
CA GLU B 23 3.32 7.30 -0.80
C GLU B 23 2.27 7.05 -1.88
N ARG B 24 2.28 7.90 -2.90
CA ARG B 24 1.44 7.75 -4.09
C ARG B 24 2.37 7.50 -5.27
N TYR B 25 2.90 6.28 -5.34
CA TYR B 25 3.97 5.98 -6.28
C TYR B 25 3.49 5.93 -7.73
N ASP B 26 2.19 5.71 -7.96
CA ASP B 26 1.68 5.81 -9.32
C ASP B 26 1.76 7.25 -9.82
N ASP B 27 1.49 8.22 -8.95
CA ASP B 27 1.72 9.62 -9.30
C ASP B 27 3.22 9.90 -9.43
N MET B 28 4.03 9.30 -8.56
CA MET B 28 5.47 9.50 -8.63
C MET B 28 6.05 8.92 -9.92
N ALA B 29 5.51 7.80 -10.38
CA ALA B 29 6.05 7.16 -11.58
C ALA B 29 5.74 7.98 -12.82
N ALA B 30 4.50 8.48 -12.94
CA ALA B 30 4.13 9.27 -14.11
C ALA B 30 4.93 10.56 -14.20
N CYS B 31 5.27 11.15 -13.06
CA CYS B 31 6.06 12.38 -13.06
C CYS B 31 7.48 12.11 -13.57
N MET B 32 8.12 11.07 -13.05
CA MET B 32 9.49 10.76 -13.49
C MET B 32 9.51 10.17 -14.88
N LYS B 33 8.43 9.54 -15.32
CA LYS B 33 8.35 9.06 -16.70
C LYS B 33 8.34 10.23 -17.68
N SER B 34 7.66 11.32 -17.32
CA SER B 34 7.66 12.50 -18.18
C SER B 34 9.01 13.18 -18.22
N VAL B 35 9.77 13.14 -17.12
CA VAL B 35 11.10 13.75 -17.10
C VAL B 35 12.03 13.01 -18.04
N THR B 36 11.94 11.68 -18.06
CA THR B 36 12.78 10.90 -18.99
C THR B 36 12.31 11.06 -20.43
N GLU B 37 11.00 11.20 -20.64
CA GLU B 37 10.45 11.33 -21.98
C GLU B 37 10.79 12.66 -22.64
N GLN B 38 11.47 13.57 -21.94
CA GLN B 38 11.93 14.82 -22.52
C GLN B 38 13.28 14.69 -23.21
N GLY B 39 13.85 13.49 -23.24
CA GLY B 39 15.14 13.27 -23.87
C GLY B 39 16.35 13.72 -23.08
N ALA B 40 16.14 14.33 -21.92
CA ALA B 40 17.26 14.82 -21.11
C ALA B 40 17.86 13.68 -20.29
N GLU B 41 19.18 13.61 -20.27
CA GLU B 41 19.87 12.61 -19.46
C GLU B 41 19.64 12.90 -17.98
N LEU B 42 19.12 11.90 -17.26
CA LEU B 42 18.78 12.10 -15.87
C LEU B 42 20.02 12.39 -15.03
N SER B 43 19.82 13.09 -13.92
CA SER B 43 20.88 13.35 -12.96
C SER B 43 20.98 12.17 -11.98
N ASN B 44 21.89 12.29 -11.03
CA ASN B 44 22.09 11.22 -10.05
C ASN B 44 20.89 11.07 -9.12
N GLU B 45 20.07 12.11 -8.98
CA GLU B 45 18.88 12.04 -8.15
C GLU B 45 17.63 11.71 -8.94
N GLU B 46 17.55 12.13 -10.20
CA GLU B 46 16.36 11.88 -11.00
C GLU B 46 16.22 10.41 -11.35
N ARG B 47 17.34 9.69 -11.52
CA ARG B 47 17.24 8.26 -11.79
C ARG B 47 16.91 7.46 -10.54
N ASN B 48 17.29 7.97 -9.36
CA ASN B 48 16.91 7.30 -8.12
C ASN B 48 15.42 7.42 -7.87
N LEU B 49 14.85 8.60 -8.15
CA LEU B 49 13.41 8.77 -7.99
C LEU B 49 12.63 7.91 -8.99
N LEU B 50 13.09 7.86 -10.24
CA LEU B 50 12.46 7.01 -11.23
C LEU B 50 12.52 5.54 -10.81
N SER B 51 13.65 5.12 -10.25
CA SER B 51 13.80 3.74 -9.82
C SER B 51 12.88 3.42 -8.65
N VAL B 52 12.91 4.25 -7.60
CA VAL B 52 12.07 4.03 -6.43
C VAL B 52 10.60 4.05 -6.81
N ALA B 53 10.22 4.88 -7.79
CA ALA B 53 8.82 4.96 -8.21
C ALA B 53 8.34 3.64 -8.78
N TYR B 54 8.94 3.20 -9.88
CA TYR B 54 8.48 1.99 -10.55
C TYR B 54 8.76 0.72 -9.74
N LYS B 55 9.73 0.76 -8.82
CA LYS B 55 9.96 -0.41 -7.98
C LYS B 55 8.82 -0.62 -6.99
N ASN B 56 8.26 0.48 -6.45
CA ASN B 56 7.09 0.36 -5.59
C ASN B 56 5.86 -0.01 -6.40
N VAL B 57 5.73 0.56 -7.60
CA VAL B 57 4.60 0.22 -8.47
C VAL B 57 4.66 -1.24 -8.86
N VAL B 58 5.85 -1.72 -9.23
CA VAL B 58 5.97 -3.11 -9.66
C VAL B 58 5.96 -4.05 -8.46
N GLY B 59 6.36 -3.59 -7.28
CA GLY B 59 6.44 -4.47 -6.13
C GLY B 59 5.08 -4.87 -5.58
N ALA B 60 4.08 -4.00 -5.71
CA ALA B 60 2.75 -4.34 -5.24
C ALA B 60 2.14 -5.47 -6.07
N ARG B 61 2.34 -5.44 -7.38
CA ARG B 61 1.85 -6.52 -8.23
C ARG B 61 2.61 -7.82 -7.95
N ARG B 62 3.93 -7.71 -7.76
CA ARG B 62 4.72 -8.91 -7.43
C ARG B 62 4.25 -9.52 -6.12
N SER B 63 4.10 -8.70 -5.08
CA SER B 63 3.64 -9.22 -3.79
C SER B 63 2.23 -9.82 -3.91
N SER B 64 1.36 -9.15 -4.66
CA SER B 64 0.02 -9.69 -4.87
C SER B 64 0.05 -10.98 -5.70
N TRP B 65 0.98 -11.06 -6.66
CA TRP B 65 1.07 -12.26 -7.49
C TRP B 65 1.50 -13.47 -6.67
N ARG B 66 2.45 -13.28 -5.75
CA ARG B 66 2.92 -14.40 -4.93
C ARG B 66 1.80 -14.94 -4.05
N VAL B 67 1.01 -14.05 -3.45
CA VAL B 67 -0.07 -14.48 -2.56
C VAL B 67 -1.12 -15.25 -3.34
N VAL B 68 -1.59 -14.67 -4.46
CA VAL B 68 -2.65 -15.30 -5.23
C VAL B 68 -2.16 -16.61 -5.84
N SER B 69 -0.92 -16.65 -6.31
CA SER B 69 -0.36 -17.89 -6.85
C SER B 69 -0.28 -18.96 -5.77
N SER B 70 0.16 -18.58 -4.57
CA SER B 70 0.20 -19.53 -3.46
C SER B 70 -1.17 -20.08 -3.15
N ILE B 71 -2.20 -19.24 -3.26
CA ILE B 71 -3.57 -19.70 -3.02
C ILE B 71 -4.02 -20.65 -4.12
N GLU B 72 -3.63 -20.37 -5.37
CA GLU B 72 -3.97 -21.27 -6.47
C GLU B 72 -3.33 -22.64 -6.29
N GLN B 73 -2.08 -22.67 -5.83
CA GLN B 73 -1.42 -23.95 -5.56
C GLN B 73 -2.05 -24.67 -4.38
N LYS B 74 -2.50 -23.91 -3.38
CA LYS B 74 -3.06 -24.51 -2.17
C LYS B 74 -4.51 -24.92 -2.34
N THR B 75 -5.25 -24.25 -3.24
CA THR B 75 -6.65 -24.56 -3.48
C THR B 75 -6.84 -25.62 -4.55
N GLU B 76 -5.87 -26.50 -4.75
CA GLU B 76 -6.05 -27.60 -5.70
C GLU B 76 -7.03 -28.62 -5.13
N GLY B 77 -8.05 -28.93 -5.91
CA GLY B 77 -9.12 -29.80 -5.46
C GLY B 77 -10.46 -29.09 -5.51
N ALA B 78 -10.46 -27.79 -5.21
CA ALA B 78 -11.64 -26.94 -5.33
C ALA B 78 -11.44 -26.08 -6.57
N GLU B 79 -12.09 -26.46 -7.67
CA GLU B 79 -11.84 -25.79 -8.95
C GLU B 79 -12.32 -24.33 -8.93
N LYS B 80 -13.40 -24.03 -8.21
CA LYS B 80 -13.88 -22.66 -8.15
C LYS B 80 -12.89 -21.76 -7.42
N LYS B 81 -12.48 -22.16 -6.21
CA LYS B 81 -11.51 -21.36 -5.47
C LYS B 81 -10.17 -21.30 -6.19
N GLN B 82 -9.86 -22.31 -7.01
CA GLN B 82 -8.62 -22.32 -7.78
C GLN B 82 -8.73 -21.56 -9.08
N GLN B 83 -9.89 -21.58 -9.74
CA GLN B 83 -10.03 -20.83 -10.98
C GLN B 83 -10.15 -19.34 -10.71
N MET B 84 -10.85 -18.95 -9.64
CA MET B 84 -10.86 -17.56 -9.22
C MET B 84 -9.45 -17.05 -8.98
N ALA B 85 -8.65 -17.81 -8.22
CA ALA B 85 -7.27 -17.43 -7.99
C ALA B 85 -6.49 -17.38 -9.31
N ARG B 86 -6.74 -18.35 -10.20
CA ARG B 86 -6.06 -18.34 -11.48
C ARG B 86 -6.41 -17.10 -12.29
N GLU B 87 -7.70 -16.76 -12.36
CA GLU B 87 -8.12 -15.60 -13.15
C GLU B 87 -7.66 -14.30 -12.50
N TYR B 88 -7.72 -14.21 -11.17
CA TYR B 88 -7.22 -13.02 -10.48
C TYR B 88 -5.72 -12.88 -10.66
N ARG B 89 -4.99 -13.99 -10.57
CA ARG B 89 -3.55 -13.96 -10.84
C ARG B 89 -3.27 -13.46 -12.25
N GLU B 90 -4.02 -13.98 -13.24
CA GLU B 90 -3.80 -13.57 -14.62
C GLU B 90 -4.05 -12.08 -14.81
N LYS B 91 -4.98 -11.49 -14.06
CA LYS B 91 -5.18 -10.04 -14.16
C LYS B 91 -4.02 -9.29 -13.54
N ILE B 92 -3.49 -9.79 -12.43
CA ILE B 92 -2.29 -9.18 -11.85
C ILE B 92 -1.11 -9.33 -12.80
N GLU B 93 -1.01 -10.48 -13.48
CA GLU B 93 0.05 -10.69 -14.45
C GLU B 93 -0.01 -9.65 -15.56
N THR B 94 -1.22 -9.36 -16.06
CA THR B 94 -1.37 -8.35 -17.11
C THR B 94 -0.95 -6.98 -16.60
N GLU B 95 -1.33 -6.63 -15.37
CA GLU B 95 -0.84 -5.39 -14.77
C GLU B 95 0.67 -5.44 -14.59
N LEU B 96 1.20 -6.60 -14.19
CA LEU B 96 2.63 -6.72 -13.97
C LEU B 96 3.41 -6.62 -15.28
N ARG B 97 2.87 -7.18 -16.36
CA ARG B 97 3.56 -7.13 -17.64
C ARG B 97 3.56 -5.73 -18.23
N ASP B 98 2.44 -5.01 -18.13
CA ASP B 98 2.36 -3.66 -18.68
C ASP B 98 3.32 -2.71 -17.97
N ILE B 99 3.56 -2.92 -16.67
CA ILE B 99 4.47 -2.06 -15.93
C ILE B 99 5.90 -2.29 -16.41
N CYS B 100 6.30 -3.56 -16.50
CA CYS B 100 7.67 -3.88 -16.92
C CYS B 100 7.93 -3.42 -18.35
N ASN B 101 6.96 -3.65 -19.25
CA ASN B 101 7.11 -3.17 -20.63
C ASN B 101 7.19 -1.66 -20.69
N ASP B 102 6.55 -0.97 -19.74
CA ASP B 102 6.63 0.49 -19.71
C ASP B 102 8.02 0.96 -19.31
N VAL B 103 8.66 0.26 -18.36
CA VAL B 103 10.00 0.62 -17.93
C VAL B 103 11.03 0.20 -18.98
N LEU B 104 10.87 -1.00 -19.55
CA LEU B 104 11.84 -1.49 -20.52
C LEU B 104 11.82 -0.64 -21.78
N SER B 105 10.65 -0.20 -22.23
CA SER B 105 10.58 0.71 -23.36
C SER B 105 11.12 2.08 -23.00
N LEU B 106 11.00 2.48 -21.73
CA LEU B 106 11.58 3.74 -21.29
C LEU B 106 13.10 3.64 -21.21
N LEU B 107 13.62 2.50 -20.78
CA LEU B 107 15.06 2.32 -20.72
C LEU B 107 15.69 2.28 -22.10
N GLU B 108 15.03 1.61 -23.05
CA GLU B 108 15.64 1.40 -24.36
C GLU B 108 15.61 2.66 -25.23
N LYS B 109 14.63 3.52 -25.04
CA LYS B 109 14.45 4.67 -25.93
C LYS B 109 15.14 5.93 -25.44
N PHE B 110 15.21 6.15 -24.14
CA PHE B 110 15.75 7.39 -23.60
C PHE B 110 16.96 7.20 -22.69
N LEU B 111 16.94 6.20 -21.82
CA LEU B 111 17.93 6.13 -20.74
C LEU B 111 19.23 5.49 -21.18
N ILE B 112 19.16 4.23 -21.65
CA ILE B 112 20.38 3.52 -22.04
C ILE B 112 21.14 4.23 -23.17
N PRO B 113 20.50 4.71 -24.24
CA PRO B 113 21.29 5.39 -25.29
C PRO B 113 21.98 6.66 -24.82
N ASN B 114 21.30 7.49 -24.04
CA ASN B 114 21.87 8.78 -23.62
C ASN B 114 22.89 8.65 -22.51
N ALA B 115 23.11 7.46 -21.96
CA ALA B 115 24.04 7.28 -20.85
C ALA B 115 25.47 7.53 -21.33
N SER B 116 26.06 8.63 -20.88
CA SER B 116 27.43 8.98 -21.24
C SER B 116 28.45 8.51 -20.21
N GLN B 117 28.00 8.05 -19.04
CA GLN B 117 28.89 7.60 -17.99
C GLN B 117 28.69 6.11 -17.73
N PRO B 118 29.76 5.37 -17.43
CA PRO B 118 29.59 3.96 -17.06
C PRO B 118 28.75 3.76 -15.81
N GLU B 119 28.75 4.73 -14.90
CA GLU B 119 27.88 4.64 -13.73
C GLU B 119 26.42 4.59 -14.12
N SER B 120 26.01 5.48 -15.03
CA SER B 120 24.62 5.49 -15.49
C SER B 120 24.31 4.25 -16.34
N LYS B 121 25.26 3.84 -17.17
CA LYS B 121 25.01 2.72 -18.08
C LYS B 121 24.84 1.41 -17.31
N VAL B 122 25.67 1.18 -16.29
CA VAL B 122 25.51 -0.03 -15.47
C VAL B 122 24.19 0.01 -14.70
N PHE B 123 23.81 1.20 -14.21
CA PHE B 123 22.58 1.33 -13.45
C PHE B 123 21.37 0.96 -14.31
N TYR B 124 21.28 1.53 -15.51
CA TYR B 124 20.14 1.24 -16.39
C TYR B 124 20.19 -0.19 -16.91
N LEU B 125 21.37 -0.73 -17.15
CA LEU B 125 21.49 -2.11 -17.60
C LEU B 125 21.08 -3.08 -16.49
N LYS B 126 21.53 -2.84 -15.27
CA LYS B 126 21.04 -3.60 -14.13
C LYS B 126 19.53 -3.45 -13.99
N MET B 127 19.01 -2.24 -14.20
CA MET B 127 17.58 -2.02 -14.17
C MET B 127 16.88 -2.75 -15.31
N LYS B 128 17.53 -2.86 -16.47
CA LYS B 128 16.94 -3.60 -17.57
C LYS B 128 16.90 -5.10 -17.28
N GLY B 129 17.95 -5.62 -16.64
CA GLY B 129 17.95 -7.01 -16.26
C GLY B 129 16.94 -7.34 -15.16
N ASP B 130 16.62 -6.34 -14.32
CA ASP B 130 15.68 -6.57 -13.24
C ASP B 130 14.25 -6.73 -13.75
N TYR B 131 13.80 -5.80 -14.60
CA TYR B 131 12.43 -5.85 -15.05
C TYR B 131 12.18 -6.93 -16.09
N TYR B 132 13.23 -7.40 -16.77
CA TYR B 132 13.10 -8.65 -17.52
C TYR B 132 13.05 -9.85 -16.57
N ARG B 133 13.76 -9.77 -15.44
CA ARG B 133 13.68 -10.83 -14.45
C ARG B 133 12.30 -10.87 -13.80
N TYR B 134 11.68 -9.71 -13.60
CA TYR B 134 10.32 -9.67 -13.07
C TYR B 134 9.33 -10.26 -14.07
N LEU B 135 9.58 -10.10 -15.37
CA LEU B 135 8.77 -10.77 -16.37
C LEU B 135 9.03 -12.26 -16.39
N ALA B 136 10.24 -12.69 -16.02
CA ALA B 136 10.56 -14.12 -16.03
C ALA B 136 9.89 -14.86 -14.88
N GLU B 137 9.66 -14.18 -13.75
CA GLU B 137 8.97 -14.79 -12.63
C GLU B 137 7.52 -15.12 -12.95
N VAL B 138 7.00 -14.67 -14.08
CA VAL B 138 5.58 -14.74 -14.38
C VAL B 138 5.35 -15.43 -15.71
N ALA B 139 6.43 -15.60 -16.49
CA ALA B 139 6.30 -16.16 -17.82
C ALA B 139 5.83 -17.61 -17.77
N ALA B 140 5.02 -18.01 -18.76
CA ALA B 140 4.45 -19.34 -18.79
C ALA B 140 5.18 -20.29 -19.72
N GLY B 141 5.71 -19.80 -20.82
CA GLY B 141 6.40 -20.62 -21.80
C GLY B 141 6.46 -19.93 -23.14
N ASP B 142 7.26 -20.51 -24.04
CA ASP B 142 7.51 -19.96 -25.37
C ASP B 142 8.26 -18.63 -25.30
N ASP B 143 7.78 -17.70 -24.48
CA ASP B 143 8.43 -16.41 -24.33
C ASP B 143 9.40 -16.35 -23.15
N LYS B 144 9.39 -17.35 -22.27
CA LYS B 144 10.30 -17.31 -21.13
C LYS B 144 11.76 -17.48 -21.56
N LYS B 145 12.00 -18.33 -22.57
CA LYS B 145 13.36 -18.54 -23.05
C LYS B 145 14.02 -17.22 -23.47
N GLY B 146 13.29 -16.40 -24.23
CA GLY B 146 13.85 -15.15 -24.68
C GLY B 146 13.93 -14.11 -23.57
N ILE B 147 12.91 -14.06 -22.71
CA ILE B 147 12.90 -13.08 -21.62
C ILE B 147 14.04 -13.36 -20.65
N VAL B 148 14.29 -14.63 -20.35
CA VAL B 148 15.41 -14.98 -19.49
C VAL B 148 16.74 -14.62 -20.15
N ASP B 149 16.84 -14.86 -21.46
CA ASP B 149 18.07 -14.52 -22.18
C ASP B 149 18.27 -13.01 -22.23
N GLN B 150 17.21 -12.25 -22.51
CA GLN B 150 17.32 -10.80 -22.53
C GLN B 150 17.67 -10.25 -21.15
N SER B 151 17.19 -10.90 -20.09
CA SER B 151 17.56 -10.49 -18.75
C SER B 151 19.04 -10.75 -18.47
N GLN B 152 19.55 -11.90 -18.92
CA GLN B 152 20.94 -12.24 -18.66
C GLN B 152 21.89 -11.37 -19.46
N GLN B 153 21.54 -11.07 -20.71
CA GLN B 153 22.41 -10.23 -21.54
C GLN B 153 22.57 -8.84 -20.94
N ALA B 154 21.48 -8.25 -20.46
CA ALA B 154 21.59 -6.95 -19.80
C ALA B 154 22.40 -7.06 -18.51
N TYR B 155 22.18 -8.13 -17.74
CA TYR B 155 22.97 -8.35 -16.53
C TYR B 155 24.44 -8.59 -16.88
N GLN B 156 24.71 -9.37 -17.92
CA GLN B 156 26.08 -9.71 -18.25
C GLN B 156 26.85 -8.48 -18.73
N GLU B 157 26.24 -7.66 -19.57
CA GLU B 157 26.89 -6.44 -20.03
C GLU B 157 27.14 -5.48 -18.87
N ALA B 158 26.18 -5.39 -17.95
CA ALA B 158 26.38 -4.55 -16.77
C ALA B 158 27.50 -5.09 -15.90
N PHE B 159 27.60 -6.42 -15.78
CA PHE B 159 28.62 -7.01 -14.94
C PHE B 159 30.02 -6.82 -15.52
N GLU B 160 30.14 -6.79 -16.85
CA GLU B 160 31.45 -6.62 -17.48
C GLU B 160 31.92 -5.18 -17.38
N ILE B 161 31.00 -4.21 -17.49
CA ILE B 161 31.39 -2.82 -17.37
C ILE B 161 31.73 -2.46 -15.93
N SER B 162 30.92 -2.96 -14.99
CA SER B 162 31.15 -2.63 -13.57
C SER B 162 32.45 -3.24 -13.08
N LYS B 163 32.67 -4.53 -13.36
CA LYS B 163 33.90 -5.18 -12.91
C LYS B 163 35.13 -4.53 -13.53
N LYS B 164 34.98 -3.90 -14.69
CA LYS B 164 36.08 -3.25 -15.37
C LYS B 164 36.37 -1.84 -14.84
N GLU B 165 35.32 -1.04 -14.62
CA GLU B 165 35.49 0.37 -14.29
C GLU B 165 34.87 0.77 -12.95
N MET B 166 34.52 -0.20 -12.11
CA MET B 166 34.04 0.09 -10.77
C MET B 166 34.76 -0.81 -9.77
N GLN B 167 34.78 -0.37 -8.54
CA GLN B 167 35.41 -1.13 -7.48
C GLN B 167 34.38 -1.97 -6.73
N PRO B 168 34.79 -3.13 -6.22
CA PRO B 168 33.85 -3.96 -5.45
C PRO B 168 33.25 -3.27 -4.23
N THR B 169 33.73 -2.10 -3.84
CA THR B 169 33.10 -1.32 -2.78
C THR B 169 32.04 -0.37 -3.31
N HIS B 170 31.93 -0.22 -4.62
CA HIS B 170 30.91 0.65 -5.20
C HIS B 170 29.54 0.01 -5.02
N PRO B 171 28.54 0.76 -4.53
CA PRO B 171 27.24 0.13 -4.27
C PRO B 171 26.51 -0.34 -5.52
N ILE B 172 26.79 0.27 -6.67
CA ILE B 172 26.15 -0.17 -7.91
C ILE B 172 26.66 -1.54 -8.33
N ARG B 173 27.97 -1.79 -8.15
CA ARG B 173 28.52 -3.09 -8.51
C ARG B 173 28.08 -4.17 -7.53
N LEU B 174 28.03 -3.85 -6.24
CA LEU B 174 27.56 -4.81 -5.25
C LEU B 174 26.09 -5.16 -5.47
N GLY B 175 25.26 -4.13 -5.66
CA GLY B 175 23.85 -4.38 -5.92
C GLY B 175 23.61 -5.15 -7.20
N LEU B 176 24.43 -4.89 -8.22
CA LEU B 176 24.33 -5.67 -9.46
C LEU B 176 24.69 -7.13 -9.22
N ALA B 177 25.76 -7.38 -8.46
CA ALA B 177 26.12 -8.75 -8.13
C ALA B 177 25.04 -9.43 -7.30
N LEU B 178 24.35 -8.66 -6.45
CA LEU B 178 23.26 -9.22 -5.65
C LEU B 178 22.10 -9.66 -6.54
N ASN B 179 21.63 -8.77 -7.41
CA ASN B 179 20.50 -9.12 -8.27
C ASN B 179 20.89 -10.16 -9.32
N PHE B 180 22.13 -10.12 -9.82
CA PHE B 180 22.56 -11.12 -10.79
C PHE B 180 22.60 -12.51 -10.16
N SER B 181 23.08 -12.62 -8.92
CA SER B 181 23.12 -13.91 -8.25
C SER B 181 21.70 -14.43 -7.98
N VAL B 182 20.78 -13.53 -7.63
CA VAL B 182 19.38 -13.93 -7.45
C VAL B 182 18.81 -14.44 -8.77
N PHE B 183 19.22 -13.84 -9.88
CA PHE B 183 18.77 -14.31 -11.18
C PHE B 183 19.24 -15.73 -11.46
N TYR B 184 20.50 -16.02 -11.17
CA TYR B 184 21.01 -17.38 -11.37
C TYR B 184 20.31 -18.39 -10.48
N TYR B 185 19.93 -17.99 -9.27
CA TYR B 185 19.39 -18.94 -8.31
C TYR B 185 17.91 -19.24 -8.58
N GLU B 186 17.08 -18.21 -8.67
CA GLU B 186 15.64 -18.41 -8.76
C GLU B 186 15.13 -18.56 -10.19
N ILE B 187 15.77 -17.91 -11.16
CA ILE B 187 15.29 -17.98 -12.54
C ILE B 187 15.93 -19.17 -13.25
N LEU B 188 17.26 -19.14 -13.39
CA LEU B 188 17.97 -20.18 -14.11
C LEU B 188 18.10 -21.48 -13.33
N ASN B 189 17.72 -21.49 -12.05
CA ASN B 189 17.88 -22.67 -11.19
C ASN B 189 19.33 -23.14 -11.16
N SER B 190 20.26 -22.19 -11.08
CA SER B 190 21.67 -22.48 -10.92
C SER B 190 22.12 -22.02 -9.54
N PRO B 191 21.88 -22.80 -8.48
CA PRO B 191 22.19 -22.34 -7.14
C PRO B 191 23.67 -22.28 -6.83
N GLU B 192 24.54 -22.74 -7.73
CA GLU B 192 25.97 -22.78 -7.48
C GLU B 192 26.71 -21.57 -8.06
N LYS B 193 26.35 -21.13 -9.26
CA LYS B 193 26.90 -19.88 -9.77
C LYS B 193 26.36 -18.68 -9.00
N ALA B 194 25.17 -18.82 -8.42
CA ALA B 194 24.63 -17.77 -7.56
C ALA B 194 25.51 -17.57 -6.33
N CYS B 195 25.87 -18.67 -5.65
CA CYS B 195 26.77 -18.56 -4.50
C CYS B 195 28.15 -18.10 -4.93
N SER B 196 28.62 -18.56 -6.09
CA SER B 196 29.94 -18.15 -6.57
C SER B 196 29.98 -16.67 -6.90
N LEU B 197 28.91 -16.14 -7.50
CA LEU B 197 28.87 -14.71 -7.81
C LEU B 197 28.78 -13.88 -6.53
N ALA B 198 27.97 -14.31 -5.57
CA ALA B 198 27.78 -13.54 -4.36
C ALA B 198 29.02 -13.58 -3.47
N LYS B 199 29.65 -14.76 -3.36
CA LYS B 199 30.80 -14.88 -2.47
C LYS B 199 32.00 -14.10 -2.99
N THR B 200 32.25 -14.15 -4.31
CA THR B 200 33.38 -13.44 -4.87
C THR B 200 33.22 -11.93 -4.73
N ALA B 201 32.04 -11.42 -5.08
CA ALA B 201 31.79 -9.99 -4.93
C ALA B 201 31.86 -9.56 -3.47
N PHE B 202 31.45 -10.43 -2.55
CA PHE B 202 31.52 -10.09 -1.14
C PHE B 202 32.96 -10.14 -0.63
N ASP B 203 33.75 -11.12 -1.10
CA ASP B 203 35.13 -11.23 -0.66
C ASP B 203 36.02 -10.17 -1.31
N GLU B 204 35.74 -9.82 -2.57
CA GLU B 204 36.52 -8.78 -3.23
C GLU B 204 36.25 -7.40 -2.63
N ALA B 205 35.04 -7.19 -2.10
CA ALA B 205 34.74 -5.93 -1.42
C ALA B 205 35.52 -5.81 -0.12
N ILE B 206 35.62 -6.91 0.64
CA ILE B 206 36.43 -6.89 1.85
C ILE B 206 37.91 -6.74 1.50
N ALA B 207 38.37 -7.46 0.47
CA ALA B 207 39.78 -7.40 0.09
C ALA B 207 40.18 -6.01 -0.38
N GLU B 208 39.27 -5.27 -1.01
CA GLU B 208 39.57 -3.89 -1.37
C GLU B 208 39.50 -2.98 -0.15
N LEU B 209 38.54 -3.22 0.74
CA LEU B 209 38.61 -2.61 2.07
C LEU B 209 39.87 -3.04 2.80
N ASP B 210 40.33 -4.27 2.57
CA ASP B 210 41.62 -4.72 3.08
C ASP B 210 42.76 -4.07 2.30
N GLU B 215 30.79 7.81 3.23
CA GLU B 215 29.80 8.50 2.40
C GLU B 215 28.73 7.51 1.95
N SER B 216 28.87 6.98 0.73
CA SER B 216 27.96 5.98 0.21
C SER B 216 28.24 4.59 0.76
N TYR B 217 29.15 4.46 1.73
CA TYR B 217 29.46 3.16 2.32
C TYR B 217 28.31 2.61 3.14
N LYS B 218 27.32 3.43 3.49
CA LYS B 218 26.13 2.90 4.15
C LYS B 218 25.36 1.96 3.24
N ASP B 219 25.24 2.32 1.96
CA ASP B 219 24.60 1.41 1.00
C ASP B 219 25.49 0.21 0.71
N SER B 220 26.80 0.41 0.68
CA SER B 220 27.72 -0.69 0.39
C SER B 220 27.70 -1.73 1.50
N THR B 221 27.66 -1.29 2.76
CA THR B 221 27.62 -2.23 3.87
C THR B 221 26.30 -2.99 3.91
N LEU B 222 25.19 -2.34 3.53
CA LEU B 222 23.90 -3.02 3.55
C LEU B 222 23.83 -4.10 2.48
N ILE B 223 24.34 -3.82 1.28
CA ILE B 223 24.30 -4.82 0.21
C ILE B 223 25.20 -6.00 0.55
N MET B 224 26.33 -5.75 1.19
CA MET B 224 27.21 -6.84 1.60
C MET B 224 26.55 -7.72 2.65
N GLN B 225 25.74 -7.13 3.53
CA GLN B 225 24.96 -7.94 4.46
C GLN B 225 23.89 -8.74 3.73
N LEU B 226 23.33 -8.18 2.66
CA LEU B 226 22.34 -8.91 1.87
C LEU B 226 22.99 -10.03 1.07
N LEU B 227 24.25 -9.84 0.67
CA LEU B 227 24.96 -10.91 -0.03
C LEU B 227 25.24 -12.09 0.89
N ARG B 228 25.75 -11.81 2.09
CA ARG B 228 26.01 -12.88 3.06
C ARG B 228 24.72 -13.54 3.52
N ASP B 229 23.62 -12.79 3.57
CA ASP B 229 22.35 -13.37 3.98
C ASP B 229 21.80 -14.31 2.91
N ASN B 230 21.93 -13.92 1.64
CA ASN B 230 21.50 -14.82 0.56
C ASN B 230 22.35 -16.08 0.53
N LEU B 231 23.65 -15.95 0.84
CA LEU B 231 24.51 -17.13 0.91
C LEU B 231 24.06 -18.06 2.03
N THR B 232 23.69 -17.50 3.19
CA THR B 232 23.26 -18.32 4.31
C THR B 232 21.91 -18.98 4.02
N LEU B 233 21.00 -18.26 3.34
CA LEU B 233 19.71 -18.84 2.99
C LEU B 233 19.86 -19.94 1.95
N TRP B 234 20.70 -19.72 0.94
CA TRP B 234 20.91 -20.71 -0.11
C TRP B 234 21.70 -21.92 0.36
N THR B 235 22.26 -21.88 1.56
CA THR B 235 23.05 -23.00 2.09
C THR B 235 22.25 -23.77 3.13
N PRO C 2 10.75 -18.43 2.61
CA PRO C 2 11.81 -17.42 2.56
C PRO C 2 12.13 -16.98 1.13
N ARG C 3 12.25 -15.68 0.92
CA ARG C 3 12.52 -15.10 -0.38
C ARG C 3 13.96 -14.60 -0.45
N SER C 4 14.52 -14.58 -1.66
CA SER C 4 15.86 -14.08 -1.86
C SER C 4 15.89 -12.56 -1.83
N ASN C 5 16.99 -12.01 -1.33
CA ASN C 5 17.12 -10.56 -1.16
C ASN C 5 17.68 -9.89 -2.41
N TRP C 7 18.12 -5.76 -4.49
CA TRP C 7 18.38 -4.35 -4.21
C TRP C 7 17.31 -3.46 -4.82
N PRO C 25 0.35 9.18 19.66
CA PRO C 25 0.38 10.48 18.97
C PRO C 25 -0.94 10.82 18.32
N ARG C 26 -1.51 9.88 17.58
CA ARG C 26 -2.77 10.06 16.87
C ARG C 26 -3.87 9.31 17.59
N SER C 27 -5.02 9.96 17.77
CA SER C 27 -6.16 9.32 18.42
C SER C 27 -6.64 8.15 17.58
N ASN C 28 -6.68 6.97 18.18
CA ASN C 28 -7.04 5.74 17.48
C ASN C 28 -8.55 5.56 17.37
N THR C 30 -11.75 2.71 15.32
CA THR C 30 -12.01 1.32 14.95
C THR C 30 -12.18 1.19 13.44
#